data_4AC1
#
_entry.id   4AC1
#
_cell.length_a   35.438
_cell.length_b   63.874
_cell.length_c   59.360
_cell.angle_alpha   90.00
_cell.angle_beta   100.97
_cell.angle_gamma   90.00
#
_symmetry.space_group_name_H-M   'P 1 21 1'
#
loop_
_entity.id
_entity.type
_entity.pdbx_description
1 polymer ENDO-N-ACETYL-BETA-D-GLUCOSAMINIDASE
2 non-polymer 2-acetamido-2-deoxy-beta-D-glucopyranose
3 non-polymer 'ACETATE ION'
4 non-polymer 'ZINC ION'
5 water water
#
_entity_poly.entity_id   1
_entity_poly.type   'polypeptide(L)'
_entity_poly.pdbx_seq_one_letter_code
;DLPRLIVYFQTTHDSSNRPISMLPLITEKGIALTHLIVCSFHINQGGVVHLNDFPPDDPHFYTLWNETITMKQAGVKVMG
MVGGAAPGSFNTQTLDSPDSATFEHYYGQLRDAIVNFQLEGMDLDVEQPMSQQGIDRLIARLRADFGPDFLITLAPVASA
LEDSSNLSGFSYTALQQTQGNDIDWYNTQFYSGFGSMADTSDYDRIVANGFAPAKVVAGQLTTPEGAGWIPTSSLNNTIV
SLVSEYGQIGGVMGWEYFNSLPGGTAEPWEWAQIVTVILRPGL
;
_entity_poly.pdbx_strand_id   X
#
# COMPACT_ATOMS: atom_id res chain seq x y z
N ASP A 1 -3.69 -14.38 -6.69
CA ASP A 1 -2.77 -15.48 -6.30
C ASP A 1 -1.91 -15.07 -5.09
N LEU A 2 -2.18 -15.71 -3.97
CA LEU A 2 -1.51 -15.44 -2.71
C LEU A 2 -0.26 -16.30 -2.61
N PRO A 3 0.79 -15.80 -1.96
CA PRO A 3 0.89 -14.52 -1.28
C PRO A 3 1.27 -13.36 -2.20
N ARG A 4 0.74 -12.18 -1.91
CA ARG A 4 1.12 -10.98 -2.64
C ARG A 4 2.49 -10.51 -2.17
N LEU A 5 3.26 -9.92 -3.09
CA LEU A 5 4.48 -9.21 -2.75
C LEU A 5 4.35 -7.82 -3.32
N ILE A 6 4.27 -6.85 -2.44
CA ILE A 6 3.89 -5.49 -2.78
C ILE A 6 5.02 -4.56 -2.40
N VAL A 7 5.41 -3.67 -3.30
CA VAL A 7 6.48 -2.69 -3.03
C VAL A 7 5.92 -1.29 -3.27
N TYR A 8 6.04 -0.44 -2.24
CA TYR A 8 5.75 0.99 -2.38
C TYR A 8 6.94 1.72 -2.98
N PHE A 9 6.65 2.59 -3.94
CA PHE A 9 7.65 3.29 -4.73
C PHE A 9 7.34 4.79 -4.61
N GLN A 10 7.89 5.43 -3.57
CA GLN A 10 7.67 6.85 -3.29
C GLN A 10 8.82 7.72 -3.77
N THR A 11 10.03 7.32 -3.43
CA THR A 11 11.25 7.99 -3.87
C THR A 11 11.53 7.53 -5.29
N THR A 12 11.40 8.47 -6.23
CA THR A 12 11.37 8.18 -7.65
C THR A 12 12.65 8.61 -8.38
N HIS A 13 13.43 9.45 -7.70
CA HIS A 13 14.66 10.04 -8.25
C HIS A 13 15.73 9.99 -7.18
N ASP A 14 16.97 9.86 -7.61
CA ASP A 14 18.09 9.77 -6.67
C ASP A 14 18.60 11.15 -6.27
N SER A 15 19.66 11.17 -5.45
CA SER A 15 20.22 12.43 -4.93
C SER A 15 20.71 13.39 -6.03
N SER A 16 20.96 12.86 -7.22
CA SER A 16 21.37 13.66 -8.38
C SER A 16 20.18 14.00 -9.28
N ASN A 17 18.97 13.79 -8.76
CA ASN A 17 17.73 14.02 -9.50
C ASN A 17 17.58 13.15 -10.77
N ARG A 18 18.21 11.98 -10.78
CA ARG A 18 18.04 11.03 -11.89
C ARG A 18 16.97 10.01 -11.54
N PRO A 19 16.10 9.64 -12.52
CA PRO A 19 15.09 8.63 -12.23
C PRO A 19 15.68 7.35 -11.68
N ILE A 20 15.00 6.78 -10.69
CA ILE A 20 15.31 5.45 -10.17
C ILE A 20 14.43 4.47 -10.93
N SER A 21 15.04 3.52 -11.62
CA SER A 21 14.27 2.55 -12.38
C SER A 21 13.57 1.57 -11.45
N MET A 22 12.30 1.28 -11.77
CA MET A 22 11.57 0.22 -11.08
C MET A 22 11.79 -1.15 -11.74
N LEU A 23 12.44 -1.17 -12.90
CA LEU A 23 12.52 -2.39 -13.70
C LEU A 23 13.36 -3.54 -13.13
N PRO A 24 14.38 -3.25 -12.28
CA PRO A 24 15.10 -4.39 -11.70
C PRO A 24 14.19 -5.36 -10.95
N LEU A 25 13.04 -4.88 -10.48
CA LEU A 25 12.07 -5.72 -9.79
C LEU A 25 11.48 -6.81 -10.67
N ILE A 26 11.56 -6.64 -12.00
CA ILE A 26 11.12 -7.68 -12.92
C ILE A 26 12.23 -8.30 -13.74
N THR A 27 13.42 -7.69 -13.75
CA THR A 27 14.52 -8.21 -14.58
CA THR A 27 14.51 -8.19 -14.58
C THR A 27 15.52 -9.02 -13.77
N GLU A 28 15.73 -8.67 -12.52
CA GLU A 28 16.64 -9.45 -11.66
C GLU A 28 16.00 -10.80 -11.28
N LYS A 29 16.83 -11.83 -11.11
CA LYS A 29 16.29 -13.17 -10.96
C LYS A 29 15.66 -13.41 -9.59
N GLY A 30 14.65 -14.28 -9.58
CA GLY A 30 14.06 -14.76 -8.32
C GLY A 30 13.14 -13.80 -7.60
N ILE A 31 12.39 -12.98 -8.35
CA ILE A 31 11.46 -12.02 -7.75
C ILE A 31 10.06 -12.32 -8.24
N ALA A 32 9.12 -12.42 -7.30
CA ALA A 32 7.72 -12.64 -7.65
C ALA A 32 6.91 -11.44 -7.20
N LEU A 33 7.21 -10.27 -7.78
CA LEU A 33 6.48 -9.06 -7.43
C LEU A 33 5.08 -9.14 -7.99
N THR A 34 4.06 -8.93 -7.15
CA THR A 34 2.69 -8.93 -7.66
C THR A 34 2.12 -7.52 -7.85
N HIS A 35 2.56 -6.56 -7.03
CA HIS A 35 2.01 -5.21 -7.06
C HIS A 35 3.08 -4.17 -6.83
N LEU A 36 3.04 -3.09 -7.61
CA LEU A 36 3.91 -1.95 -7.43
C LEU A 36 3.00 -0.76 -7.16
N ILE A 37 3.19 -0.09 -6.02
CA ILE A 37 2.32 1.03 -5.62
C ILE A 37 3.09 2.35 -5.76
N VAL A 38 2.72 3.11 -6.80
CA VAL A 38 3.30 4.43 -7.06
C VAL A 38 2.66 5.41 -6.09
N CYS A 39 3.50 6.19 -5.40
CA CYS A 39 3.02 7.02 -4.30
C CYS A 39 3.99 8.19 -4.05
N SER A 40 3.62 9.19 -3.25
CA SER A 40 2.28 9.38 -2.69
C SER A 40 1.53 10.46 -3.46
N PHE A 41 0.34 10.13 -3.94
CA PHE A 41 -0.57 11.12 -4.49
C PHE A 41 -1.12 11.99 -3.37
N HIS A 42 -1.31 13.27 -3.68
CA HIS A 42 -1.78 14.29 -2.74
C HIS A 42 -2.91 15.08 -3.38
N ILE A 43 -4.04 15.13 -2.67
CA ILE A 43 -5.16 15.99 -3.04
C ILE A 43 -4.95 17.34 -2.33
N ASN A 44 -4.93 18.41 -3.11
CA ASN A 44 -4.61 19.74 -2.58
C ASN A 44 -5.79 20.69 -2.70
N GLN A 45 -6.28 21.20 -1.56
CA GLN A 45 -7.33 22.22 -1.59
C GLN A 45 -6.91 23.36 -2.53
N GLY A 46 -7.79 23.71 -3.46
CA GLY A 46 -7.50 24.80 -4.38
C GLY A 46 -6.45 24.50 -5.45
N GLY A 47 -5.94 23.27 -5.46
CA GLY A 47 -4.90 22.86 -6.40
C GLY A 47 -5.24 21.68 -7.28
N VAL A 48 -4.21 21.11 -7.87
CA VAL A 48 -4.35 19.89 -8.66
C VAL A 48 -3.66 18.76 -7.93
N VAL A 49 -4.04 17.53 -8.27
CA VAL A 49 -3.38 16.36 -7.72
C VAL A 49 -1.88 16.42 -8.01
N HIS A 50 -1.08 16.14 -6.98
CA HIS A 50 0.34 15.96 -7.12
C HIS A 50 0.74 14.53 -6.83
N LEU A 51 1.76 14.04 -7.52
CA LEU A 51 2.48 12.84 -7.12
C LEU A 51 3.74 13.38 -6.48
N ASN A 52 3.83 13.29 -5.16
CA ASN A 52 4.93 13.91 -4.42
C ASN A 52 5.03 15.40 -4.79
N ASP A 53 6.14 15.85 -5.36
CA ASP A 53 6.34 17.30 -5.53
C ASP A 53 5.85 17.92 -6.84
N PHE A 54 5.28 17.11 -7.73
CA PHE A 54 4.84 17.59 -9.05
C PHE A 54 3.52 16.94 -9.44
N PRO A 55 2.72 17.62 -10.29
CA PRO A 55 1.58 16.97 -10.90
C PRO A 55 2.06 15.72 -11.65
N PRO A 56 1.27 14.64 -11.65
CA PRO A 56 1.75 13.39 -12.23
C PRO A 56 2.06 13.45 -13.73
N ASP A 57 1.49 14.43 -14.44
CA ASP A 57 1.75 14.56 -15.87
C ASP A 57 3.01 15.39 -16.18
N ASP A 58 3.71 15.82 -15.14
CA ASP A 58 4.94 16.60 -15.26
C ASP A 58 6.05 15.76 -15.92
N PRO A 59 6.93 16.42 -16.71
CA PRO A 59 8.10 15.73 -17.27
C PRO A 59 8.93 14.96 -16.24
N HIS A 60 8.91 15.40 -14.98
CA HIS A 60 9.56 14.69 -13.87
C HIS A 60 9.24 13.18 -13.86
N PHE A 61 8.04 12.83 -14.30
CA PHE A 61 7.56 11.45 -14.25
C PHE A 61 7.48 10.71 -15.58
N TYR A 62 8.10 11.23 -16.64
CA TYR A 62 8.08 10.54 -17.93
C TYR A 62 8.66 9.12 -17.85
N THR A 63 9.80 9.00 -17.17
CA THR A 63 10.48 7.70 -17.06
C THR A 63 9.58 6.75 -16.27
N LEU A 64 9.07 7.23 -15.13
CA LEU A 64 8.22 6.42 -14.27
C LEU A 64 7.03 5.82 -15.05
N TRP A 65 6.25 6.67 -15.72
CA TRP A 65 5.03 6.18 -16.37
C TRP A 65 5.34 5.28 -17.55
N ASN A 66 6.41 5.59 -18.28
CA ASN A 66 6.86 4.71 -19.35
C ASN A 66 7.23 3.32 -18.84
N GLU A 67 7.92 3.27 -17.69
CA GLU A 67 8.28 1.99 -17.09
C GLU A 67 7.07 1.18 -16.61
N THR A 68 6.02 1.87 -16.16
CA THR A 68 4.86 1.12 -15.64
C THR A 68 4.23 0.19 -16.68
N ILE A 69 4.31 0.57 -17.96
CA ILE A 69 3.79 -0.27 -19.04
C ILE A 69 4.52 -1.61 -19.06
N THR A 70 5.84 -1.54 -18.96
CA THR A 70 6.68 -2.72 -18.96
C THR A 70 6.44 -3.59 -17.72
N MET A 71 6.22 -2.94 -16.58
CA MET A 71 5.89 -3.66 -15.36
C MET A 71 4.60 -4.45 -15.54
N LYS A 72 3.60 -3.80 -16.11
CA LYS A 72 2.32 -4.47 -16.38
C LYS A 72 2.48 -5.63 -17.39
N GLN A 73 3.30 -5.44 -18.42
CA GLN A 73 3.59 -6.54 -19.36
C GLN A 73 4.15 -7.77 -18.65
N ALA A 74 4.98 -7.56 -17.64
CA ALA A 74 5.57 -8.67 -16.90
C ALA A 74 4.58 -9.32 -15.92
N GLY A 75 3.38 -8.75 -15.79
CA GLY A 75 2.36 -9.32 -14.92
C GLY A 75 2.15 -8.63 -13.58
N VAL A 76 2.89 -7.55 -13.34
CA VAL A 76 2.75 -6.78 -12.12
C VAL A 76 1.52 -5.89 -12.23
N LYS A 77 0.75 -5.78 -11.15
CA LYS A 77 -0.36 -4.82 -11.12
C LYS A 77 0.19 -3.50 -10.60
N VAL A 78 -0.02 -2.44 -11.37
CA VAL A 78 0.47 -1.13 -10.98
C VAL A 78 -0.67 -0.32 -10.39
N MET A 79 -0.50 0.08 -9.13
CA MET A 79 -1.49 0.84 -8.38
C MET A 79 -0.93 2.19 -8.00
N GLY A 80 -1.80 3.07 -7.53
CA GLY A 80 -1.38 4.28 -6.85
C GLY A 80 -1.71 4.18 -5.37
N MET A 81 -1.11 5.06 -4.56
CA MET A 81 -1.56 5.31 -3.20
C MET A 81 -1.73 6.80 -3.07
N VAL A 82 -2.84 7.18 -2.43
CA VAL A 82 -3.12 8.57 -2.06
C VAL A 82 -3.09 8.68 -0.54
N GLY A 83 -2.53 9.79 -0.05
CA GLY A 83 -2.44 10.05 1.39
C GLY A 83 -1.02 9.93 1.91
N GLY A 84 -0.82 9.02 2.85
CA GLY A 84 0.45 8.89 3.54
C GLY A 84 0.69 10.02 4.52
N ALA A 85 1.95 10.34 4.73
CA ALA A 85 2.37 11.28 5.77
C ALA A 85 1.85 12.72 5.60
N ALA A 86 1.78 13.21 4.37
CA ALA A 86 1.40 14.60 4.14
C ALA A 86 -0.11 14.78 4.34
N PRO A 87 -0.52 15.64 5.30
CA PRO A 87 -1.95 15.84 5.51
C PRO A 87 -2.58 16.60 4.37
N GLY A 88 -3.88 16.45 4.19
CA GLY A 88 -4.60 17.25 3.21
C GLY A 88 -5.55 16.52 2.28
N SER A 89 -5.33 15.21 2.09
CA SER A 89 -6.12 14.45 1.13
C SER A 89 -7.47 13.97 1.69
N PHE A 90 -7.58 13.87 3.01
CA PHE A 90 -8.73 13.21 3.64
C PHE A 90 -9.44 14.09 4.66
N ASN A 91 -9.24 15.41 4.57
CA ASN A 91 -9.87 16.30 5.53
C ASN A 91 -11.17 16.91 4.98
N THR A 92 -11.81 17.73 5.81
CA THR A 92 -13.11 18.33 5.46
C THR A 92 -13.05 19.35 4.31
N GLN A 93 -11.84 19.72 3.90
CA GLN A 93 -11.63 20.64 2.77
C GLN A 93 -11.56 19.87 1.43
N THR A 94 -11.32 18.57 1.51
CA THR A 94 -11.14 17.75 0.30
C THR A 94 -12.08 16.52 0.34
N LEU A 95 -11.51 15.31 0.49
CA LEU A 95 -12.32 14.11 0.31
C LEU A 95 -13.27 13.79 1.46
N ASP A 96 -13.09 14.46 2.60
CA ASP A 96 -14.04 14.34 3.71
C ASP A 96 -15.00 15.52 3.75
N SER A 97 -15.14 16.26 2.64
CA SER A 97 -15.99 17.46 2.64
C SER A 97 -17.45 17.14 2.77
N PRO A 98 -18.17 17.88 3.65
CA PRO A 98 -19.63 17.75 3.72
C PRO A 98 -20.36 18.55 2.62
N ASP A 99 -19.60 19.28 1.81
CA ASP A 99 -20.13 20.01 0.66
C ASP A 99 -20.03 19.11 -0.58
N SER A 100 -21.18 18.74 -1.14
CA SER A 100 -21.22 17.77 -2.24
CA SER A 100 -21.22 17.77 -2.24
C SER A 100 -20.36 18.20 -3.44
N ALA A 101 -20.46 19.47 -3.84
CA ALA A 101 -19.70 19.96 -4.98
C ALA A 101 -18.20 19.89 -4.74
N THR A 102 -17.79 20.22 -3.52
CA THR A 102 -16.38 20.12 -3.11
C THR A 102 -15.91 18.67 -3.20
N PHE A 103 -16.66 17.74 -2.60
CA PHE A 103 -16.32 16.32 -2.73
C PHE A 103 -16.23 15.89 -4.19
N GLU A 104 -17.24 16.19 -5.00
CA GLU A 104 -17.22 15.81 -6.41
C GLU A 104 -16.00 16.36 -7.13
N HIS A 105 -15.62 17.59 -6.79
CA HIS A 105 -14.50 18.23 -7.44
C HIS A 105 -13.19 17.47 -7.16
N TYR A 106 -12.92 17.20 -5.88
CA TYR A 106 -11.67 16.55 -5.50
C TYR A 106 -11.67 15.06 -5.82
N TYR A 107 -12.81 14.41 -5.59
CA TYR A 107 -12.97 13.02 -6.01
C TYR A 107 -12.74 12.91 -7.53
N GLY A 108 -13.31 13.85 -8.30
CA GLY A 108 -13.17 13.83 -9.75
C GLY A 108 -11.70 13.89 -10.16
N GLN A 109 -10.92 14.67 -9.45
CA GLN A 109 -9.47 14.73 -9.69
C GLN A 109 -8.79 13.37 -9.46
N LEU A 110 -9.16 12.70 -8.38
CA LEU A 110 -8.61 11.37 -8.09
C LEU A 110 -9.00 10.36 -9.18
N ARG A 111 -10.29 10.34 -9.52
CA ARG A 111 -10.81 9.48 -10.57
C ARG A 111 -10.07 9.74 -11.88
N ASP A 112 -9.93 11.02 -12.24
CA ASP A 112 -9.24 11.41 -13.47
C ASP A 112 -7.78 10.96 -13.50
N ALA A 113 -7.11 11.03 -12.36
CA ALA A 113 -5.71 10.60 -12.30
C ALA A 113 -5.61 9.09 -12.50
N ILE A 114 -6.52 8.34 -11.87
CA ILE A 114 -6.55 6.91 -12.06
C ILE A 114 -6.70 6.54 -13.56
N VAL A 115 -7.61 7.22 -14.25
CA VAL A 115 -7.85 6.98 -15.68
C VAL A 115 -6.62 7.42 -16.49
N ASN A 116 -6.15 8.64 -16.24
CA ASN A 116 -5.08 9.22 -17.07
C ASN A 116 -3.76 8.47 -16.96
N PHE A 117 -3.47 7.91 -15.79
CA PHE A 117 -2.20 7.24 -15.55
C PHE A 117 -2.34 5.73 -15.57
N GLN A 118 -3.54 5.29 -15.94
CA GLN A 118 -3.84 3.90 -16.23
C GLN A 118 -3.52 2.97 -15.06
N LEU A 119 -3.92 3.43 -13.87
CA LEU A 119 -3.70 2.67 -12.64
C LEU A 119 -4.70 1.56 -12.51
N GLU A 120 -4.27 0.46 -11.91
CA GLU A 120 -5.11 -0.73 -11.77
C GLU A 120 -5.70 -0.86 -10.39
N GLY A 121 -5.39 0.10 -9.53
CA GLY A 121 -5.92 0.12 -8.17
C GLY A 121 -5.47 1.36 -7.46
N MET A 122 -6.08 1.58 -6.31
CA MET A 122 -5.76 2.69 -5.44
C MET A 122 -5.74 2.25 -3.97
N ASP A 123 -4.63 2.58 -3.31
CA ASP A 123 -4.45 2.37 -1.87
C ASP A 123 -4.78 3.69 -1.18
N LEU A 124 -5.69 3.61 -0.22
CA LEU A 124 -6.08 4.76 0.60
CA LEU A 124 -6.09 4.74 0.59
C LEU A 124 -5.35 4.66 1.93
N ASP A 125 -4.21 5.36 2.02
CA ASP A 125 -3.33 5.31 3.19
C ASP A 125 -3.64 6.50 4.06
N VAL A 126 -4.58 6.31 4.98
CA VAL A 126 -5.17 7.40 5.73
C VAL A 126 -4.43 7.58 7.04
N GLU A 127 -3.62 8.62 7.12
CA GLU A 127 -2.77 8.84 8.28
C GLU A 127 -3.20 10.07 9.09
N GLN A 128 -4.34 10.67 8.75
CA GLN A 128 -4.96 11.71 9.58
C GLN A 128 -6.44 11.34 9.70
N PRO A 129 -7.16 11.90 10.69
CA PRO A 129 -8.56 11.49 10.86
C PRO A 129 -9.48 11.80 9.69
N MET A 130 -10.29 10.81 9.31
CA MET A 130 -11.36 10.95 8.31
C MET A 130 -12.61 10.32 8.91
N SER A 131 -13.77 10.92 8.66
CA SER A 131 -15.03 10.41 9.21
C SER A 131 -15.35 9.05 8.62
N GLN A 132 -16.13 8.28 9.37
CA GLN A 132 -16.65 7.01 8.87
C GLN A 132 -17.43 7.19 7.58
N GLN A 133 -18.31 8.18 7.55
CA GLN A 133 -19.11 8.44 6.35
C GLN A 133 -18.20 8.75 5.15
N GLY A 134 -17.16 9.53 5.40
CA GLY A 134 -16.23 9.91 4.33
C GLY A 134 -15.48 8.75 3.70
N ILE A 135 -14.89 7.88 4.53
CA ILE A 135 -14.16 6.73 3.98
C ILE A 135 -15.10 5.75 3.32
N ASP A 136 -16.27 5.53 3.94
CA ASP A 136 -17.24 4.61 3.35
C ASP A 136 -17.67 5.10 1.95
N ARG A 137 -17.97 6.39 1.83
CA ARG A 137 -18.35 6.99 0.56
C ARG A 137 -17.24 6.86 -0.46
N LEU A 138 -16.00 7.16 -0.06
CA LEU A 138 -14.90 7.13 -1.01
C LEU A 138 -14.72 5.75 -1.63
N ILE A 139 -14.72 4.73 -0.78
CA ILE A 139 -14.55 3.35 -1.24
C ILE A 139 -15.74 2.91 -2.10
N ALA A 140 -16.95 3.17 -1.62
CA ALA A 140 -18.13 2.79 -2.39
C ALA A 140 -18.20 3.47 -3.76
N ARG A 141 -17.82 4.74 -3.81
CA ARG A 141 -17.81 5.50 -5.05
C ARG A 141 -16.75 5.00 -6.02
N LEU A 142 -15.54 4.73 -5.49
CA LEU A 142 -14.48 4.14 -6.32
C LEU A 142 -14.93 2.81 -6.91
N ARG A 143 -15.54 1.97 -6.07
CA ARG A 143 -16.04 0.66 -6.49
CA ARG A 143 -16.03 0.66 -6.52
C ARG A 143 -17.12 0.82 -7.56
N ALA A 144 -18.00 1.79 -7.37
CA ALA A 144 -19.08 2.07 -8.32
C ALA A 144 -18.52 2.51 -9.67
N ASP A 145 -17.55 3.42 -9.66
CA ASP A 145 -17.02 3.98 -10.91
C ASP A 145 -16.06 3.09 -11.66
N PHE A 146 -15.27 2.30 -10.94
CA PHE A 146 -14.19 1.54 -11.56
C PHE A 146 -14.44 0.04 -11.70
N GLY A 147 -15.55 -0.46 -11.17
CA GLY A 147 -15.87 -1.86 -11.33
C GLY A 147 -15.29 -2.77 -10.27
N PRO A 148 -15.68 -4.04 -10.29
CA PRO A 148 -15.36 -4.97 -9.23
C PRO A 148 -13.90 -5.45 -9.26
N ASP A 149 -13.21 -5.31 -10.40
CA ASP A 149 -11.85 -5.83 -10.54
C ASP A 149 -10.77 -4.77 -10.34
N PHE A 150 -11.17 -3.50 -10.21
CA PHE A 150 -10.26 -2.44 -9.76
C PHE A 150 -9.81 -2.75 -8.32
N LEU A 151 -8.53 -2.57 -8.03
CA LEU A 151 -8.02 -2.91 -6.70
C LEU A 151 -8.20 -1.74 -5.75
N ILE A 152 -8.84 -1.98 -4.61
CA ILE A 152 -9.00 -0.97 -3.58
C ILE A 152 -8.42 -1.51 -2.29
N THR A 153 -7.43 -0.81 -1.74
CA THR A 153 -6.80 -1.24 -0.51
C THR A 153 -6.70 -0.08 0.47
N LEU A 154 -6.44 -0.40 1.74
CA LEU A 154 -6.12 0.61 2.73
C LEU A 154 -4.85 0.19 3.43
N ALA A 155 -4.26 1.11 4.20
CA ALA A 155 -3.02 0.85 4.93
C ALA A 155 -3.20 1.17 6.43
N PRO A 156 -4.08 0.44 7.14
CA PRO A 156 -4.17 0.63 8.58
C PRO A 156 -2.85 0.30 9.25
N VAL A 157 -2.53 1.00 10.34
CA VAL A 157 -1.47 0.53 11.20
C VAL A 157 -2.01 -0.71 11.92
N ALA A 158 -1.13 -1.63 12.29
CA ALA A 158 -1.58 -2.93 12.77
C ALA A 158 -2.57 -2.85 13.93
N SER A 159 -2.27 -2.02 14.93
CA SER A 159 -3.12 -1.87 16.12
C SER A 159 -4.53 -1.36 15.76
N ALA A 160 -4.67 -0.70 14.60
CA ALA A 160 -6.01 -0.25 14.17
C ALA A 160 -6.94 -1.39 13.79
N LEU A 161 -6.36 -2.56 13.57
CA LEU A 161 -7.13 -3.78 13.29
C LEU A 161 -7.32 -4.64 14.54
N GLU A 162 -6.86 -4.10 15.67
CA GLU A 162 -6.94 -4.75 16.99
C GLU A 162 -7.65 -3.84 18.01
N ASP A 163 -8.60 -3.03 17.56
CA ASP A 163 -9.39 -2.17 18.45
C ASP A 163 -8.54 -1.16 19.24
N SER A 164 -7.42 -0.73 18.65
CA SER A 164 -6.47 0.10 19.36
C SER A 164 -5.91 1.25 18.49
N SER A 165 -4.69 1.69 18.79
CA SER A 165 -4.11 2.88 18.17
C SER A 165 -4.29 2.91 16.66
N ASN A 166 -4.73 4.07 16.18
CA ASN A 166 -5.18 4.22 14.81
C ASN A 166 -4.90 5.64 14.34
N LEU A 167 -4.33 5.78 13.16
CA LEU A 167 -4.05 7.10 12.60
C LEU A 167 -5.22 7.69 11.82
N SER A 168 -6.22 6.86 11.53
CA SER A 168 -7.23 7.18 10.50
C SER A 168 -8.52 7.78 11.01
N GLY A 169 -8.73 7.79 12.32
CA GLY A 169 -9.98 8.30 12.90
C GLY A 169 -11.13 7.30 12.82
N PHE A 170 -11.53 6.94 11.61
CA PHE A 170 -12.61 5.97 11.43
C PHE A 170 -12.27 4.56 11.94
N SER A 171 -13.30 3.75 12.11
CA SER A 171 -13.13 2.37 12.58
C SER A 171 -12.91 1.41 11.40
N TYR A 172 -11.83 0.63 11.45
CA TYR A 172 -11.58 -0.38 10.43
C TYR A 172 -12.50 -1.59 10.57
N THR A 173 -12.98 -1.87 11.78
CA THR A 173 -13.92 -2.98 11.92
CA THR A 173 -13.94 -2.96 11.99
C THR A 173 -15.28 -2.58 11.34
N ALA A 174 -15.72 -1.33 11.56
CA ALA A 174 -16.95 -0.86 10.94
C ALA A 174 -16.80 -0.85 9.41
N LEU A 175 -15.67 -0.32 8.91
CA LEU A 175 -15.40 -0.31 7.47
C LEU A 175 -15.44 -1.71 6.87
N GLN A 176 -14.80 -2.67 7.54
CA GLN A 176 -14.81 -4.05 7.04
C GLN A 176 -16.25 -4.57 6.95
N GLN A 177 -17.06 -4.26 7.96
CA GLN A 177 -18.45 -4.73 7.92
C GLN A 177 -19.26 -4.17 6.74
N THR A 178 -19.13 -2.87 6.47
CA THR A 178 -19.99 -2.19 5.48
C THR A 178 -19.41 -2.21 4.06
N GLN A 179 -18.07 -2.14 3.95
CA GLN A 179 -17.37 -2.04 2.66
C GLN A 179 -16.34 -3.14 2.45
N GLY A 180 -16.29 -4.14 3.34
CA GLY A 180 -15.26 -5.18 3.25
C GLY A 180 -15.23 -5.93 1.93
N ASN A 181 -16.41 -6.17 1.35
CA ASN A 181 -16.48 -6.83 0.04
C ASN A 181 -15.95 -5.96 -1.10
N ASP A 182 -15.77 -4.67 -0.84
CA ASP A 182 -15.22 -3.72 -1.82
C ASP A 182 -13.73 -3.51 -1.62
N ILE A 183 -13.16 -4.10 -0.57
CA ILE A 183 -11.76 -3.86 -0.20
C ILE A 183 -11.00 -5.15 -0.45
N ASP A 184 -9.95 -5.08 -1.25
CA ASP A 184 -9.22 -6.28 -1.63
C ASP A 184 -8.27 -6.78 -0.54
N TRP A 185 -7.59 -5.86 0.13
CA TRP A 185 -6.74 -6.21 1.27
C TRP A 185 -6.30 -4.98 2.04
N TYR A 186 -5.68 -5.24 3.18
CA TYR A 186 -5.15 -4.21 4.08
C TYR A 186 -3.62 -4.32 4.11
N ASN A 187 -2.96 -3.26 3.66
CA ASN A 187 -1.51 -3.12 3.73
C ASN A 187 -1.18 -2.74 5.15
N THR A 188 -0.99 -3.75 5.99
CA THR A 188 -1.06 -3.53 7.43
C THR A 188 0.32 -3.16 7.97
N GLN A 189 0.40 -1.99 8.60
CA GLN A 189 1.70 -1.45 8.99
C GLN A 189 2.16 -2.00 10.35
N PHE A 190 3.00 -3.04 10.30
CA PHE A 190 3.63 -3.63 11.49
C PHE A 190 4.95 -2.91 11.80
N TYR A 191 4.84 -1.63 12.11
CA TYR A 191 6.00 -0.80 12.41
C TYR A 191 5.55 0.50 13.04
N SER A 192 6.52 1.36 13.40
CA SER A 192 6.26 2.67 14.01
C SER A 192 5.63 2.58 15.38
N GLY A 193 5.69 1.39 15.99
CA GLY A 193 5.16 1.17 17.33
C GLY A 193 3.81 0.45 17.33
N PHE A 194 3.20 0.30 16.14
CA PHE A 194 1.81 -0.14 16.03
C PHE A 194 1.64 -1.65 15.95
N GLY A 195 2.74 -2.34 15.65
CA GLY A 195 2.69 -3.79 15.55
C GLY A 195 4.04 -4.39 15.23
N SER A 196 4.15 -5.70 15.35
CA SER A 196 5.41 -6.39 15.11
C SER A 196 5.21 -7.73 14.43
N MET A 197 6.05 -7.97 13.42
CA MET A 197 6.13 -9.28 12.77
C MET A 197 7.24 -10.16 13.36
N ALA A 198 7.78 -9.79 14.53
CA ALA A 198 8.83 -10.59 15.18
C ALA A 198 8.29 -11.90 15.81
N ASP A 199 6.98 -11.94 16.06
CA ASP A 199 6.28 -13.20 16.36
C ASP A 199 4.86 -13.13 15.77
N THR A 200 4.12 -14.22 15.89
CA THR A 200 2.79 -14.31 15.28
C THR A 200 1.68 -13.60 16.05
N SER A 201 1.97 -13.10 17.24
CA SER A 201 0.88 -12.69 18.14
CA SER A 201 0.90 -12.67 18.16
C SER A 201 -0.02 -11.59 17.57
N ASP A 202 0.60 -10.56 16.99
CA ASP A 202 -0.19 -9.45 16.43
C ASP A 202 -1.05 -9.86 15.24
N TYR A 203 -0.44 -10.55 14.28
CA TYR A 203 -1.16 -11.05 13.12
C TYR A 203 -2.32 -11.95 13.57
N ASP A 204 -2.07 -12.85 14.51
CA ASP A 204 -3.13 -13.73 15.04
C ASP A 204 -4.26 -12.95 15.70
N ARG A 205 -3.92 -11.91 16.45
CA ARG A 205 -4.92 -11.07 17.09
C ARG A 205 -5.81 -10.35 16.05
N ILE A 206 -5.19 -9.88 14.98
CA ILE A 206 -5.92 -9.23 13.91
C ILE A 206 -6.90 -10.22 13.26
N VAL A 207 -6.44 -11.44 12.99
CA VAL A 207 -7.30 -12.47 12.40
C VAL A 207 -8.49 -12.79 13.32
N ALA A 208 -8.20 -12.88 14.62
CA ALA A 208 -9.24 -13.15 15.62
C ALA A 208 -10.24 -11.99 15.76
N ASN A 209 -9.84 -10.79 15.31
CA ASN A 209 -10.71 -9.61 15.31
C ASN A 209 -11.53 -9.46 14.02
N GLY A 210 -11.53 -10.50 13.18
CA GLY A 210 -12.40 -10.55 12.00
C GLY A 210 -11.80 -10.15 10.67
N PHE A 211 -10.48 -10.08 10.58
CA PHE A 211 -9.81 -9.75 9.33
C PHE A 211 -9.14 -11.02 8.78
N ALA A 212 -9.65 -11.53 7.67
CA ALA A 212 -9.18 -12.79 7.09
C ALA A 212 -7.70 -12.72 6.71
N PRO A 213 -6.96 -13.80 6.97
CA PRO A 213 -5.55 -13.82 6.57
C PRO A 213 -5.32 -13.41 5.10
N ALA A 214 -6.21 -13.84 4.20
CA ALA A 214 -6.10 -13.47 2.79
C ALA A 214 -6.13 -11.95 2.57
N LYS A 215 -6.73 -11.22 3.51
CA LYS A 215 -6.80 -9.76 3.38
C LYS A 215 -5.82 -9.00 4.25
N VAL A 216 -4.98 -9.71 5.01
CA VAL A 216 -4.00 -9.04 5.87
C VAL A 216 -2.60 -9.24 5.30
N VAL A 217 -2.10 -8.22 4.64
CA VAL A 217 -0.73 -8.16 4.13
C VAL A 217 0.16 -7.61 5.25
N ALA A 218 1.23 -8.35 5.53
CA ALA A 218 2.20 -7.96 6.55
C ALA A 218 3.15 -6.89 6.06
N GLY A 219 2.90 -5.65 6.47
CA GLY A 219 3.73 -4.54 6.09
C GLY A 219 5.01 -4.45 6.88
N GLN A 220 6.08 -4.13 6.17
CA GLN A 220 7.44 -4.08 6.72
C GLN A 220 8.21 -2.86 6.23
N LEU A 221 8.93 -2.23 7.15
CA LEU A 221 9.97 -1.30 6.74
C LEU A 221 11.09 -2.07 6.05
N THR A 222 11.59 -1.52 4.95
CA THR A 222 12.70 -2.16 4.23
C THR A 222 14.07 -1.77 4.78
N THR A 223 14.08 -0.74 5.62
CA THR A 223 15.32 -0.27 6.26
C THR A 223 14.99 0.09 7.71
N PRO A 224 16.03 0.22 8.58
CA PRO A 224 15.80 0.64 9.96
C PRO A 224 15.72 2.17 10.13
N GLU A 225 15.49 2.89 9.03
CA GLU A 225 15.21 4.33 9.09
C GLU A 225 13.77 4.56 9.52
N GLY A 226 13.54 4.27 10.79
CA GLY A 226 12.22 4.32 11.37
C GLY A 226 12.22 3.47 12.61
N ALA A 227 11.02 3.20 13.11
CA ALA A 227 10.85 2.38 14.28
C ALA A 227 10.15 1.11 13.88
N GLY A 228 10.62 0.00 14.43
CA GLY A 228 9.99 -1.27 14.22
C GLY A 228 10.53 -2.12 13.06
N TRP A 229 11.67 -1.76 12.48
CA TRP A 229 12.32 -2.66 11.51
C TRP A 229 12.77 -3.94 12.18
N ILE A 230 12.62 -5.06 11.47
CA ILE A 230 13.17 -6.35 11.91
C ILE A 230 13.91 -7.01 10.75
N PRO A 231 14.92 -7.85 11.07
CA PRO A 231 15.61 -8.60 10.03
C PRO A 231 14.65 -9.49 9.25
N THR A 232 14.94 -9.69 7.97
CA THR A 232 14.13 -10.60 7.15
C THR A 232 14.11 -12.03 7.68
N SER A 233 15.17 -12.45 8.36
CA SER A 233 15.21 -13.76 9.00
C SER A 233 14.12 -13.89 10.07
N SER A 234 13.87 -12.80 10.80
CA SER A 234 12.82 -12.76 11.82
CA SER A 234 12.82 -12.80 11.82
C SER A 234 11.45 -12.83 11.16
N LEU A 235 11.28 -12.03 10.10
CA LEU A 235 10.08 -12.04 9.29
C LEU A 235 9.79 -13.46 8.79
N ASN A 236 10.82 -14.12 8.28
CA ASN A 236 10.68 -15.47 7.77
C ASN A 236 10.16 -16.45 8.83
N ASN A 237 10.77 -16.42 10.02
CA ASN A 237 10.38 -17.33 11.08
C ASN A 237 8.89 -17.18 11.41
N THR A 238 8.43 -15.93 11.49
CA THR A 238 7.05 -15.66 11.77
C THR A 238 6.12 -16.11 10.64
N ILE A 239 6.50 -15.84 9.39
CA ILE A 239 5.66 -16.22 8.25
C ILE A 239 5.52 -17.75 8.15
N VAL A 240 6.62 -18.48 8.37
CA VAL A 240 6.55 -19.96 8.42
C VAL A 240 5.46 -20.42 9.40
N SER A 241 5.45 -19.81 10.59
CA SER A 241 4.44 -20.14 11.60
CA SER A 241 4.45 -20.15 11.59
C SER A 241 3.03 -19.77 11.15
N LEU A 242 2.86 -18.57 10.61
CA LEU A 242 1.54 -18.13 10.13
C LEU A 242 0.98 -19.04 9.04
N VAL A 243 1.82 -19.41 8.07
CA VAL A 243 1.42 -20.30 6.98
CA VAL A 243 1.36 -20.28 6.99
C VAL A 243 0.99 -21.68 7.52
N SER A 244 1.67 -22.15 8.57
CA SER A 244 1.28 -23.43 9.20
C SER A 244 -0.12 -23.36 9.81
N GLU A 245 -0.52 -22.15 10.25
CA GLU A 245 -1.84 -21.92 10.83
C GLU A 245 -2.91 -21.73 9.76
N TYR A 246 -2.61 -20.91 8.74
CA TYR A 246 -3.63 -20.39 7.84
C TYR A 246 -3.54 -20.91 6.42
N GLY A 247 -2.43 -21.57 6.06
CA GLY A 247 -2.22 -22.05 4.69
C GLY A 247 -1.73 -20.98 3.74
N GLN A 248 -2.47 -19.88 3.67
CA GLN A 248 -2.09 -18.73 2.86
C GLN A 248 -2.26 -17.47 3.69
N ILE A 249 -1.25 -16.58 3.64
CA ILE A 249 -1.40 -15.23 4.18
C ILE A 249 -1.58 -14.22 3.04
N GLY A 250 -1.99 -13.01 3.38
CA GLY A 250 -2.20 -11.99 2.34
C GLY A 250 -0.92 -11.69 1.58
N GLY A 251 0.20 -11.73 2.29
CA GLY A 251 1.51 -11.50 1.70
C GLY A 251 2.29 -10.49 2.52
N VAL A 252 3.23 -9.82 1.85
CA VAL A 252 4.11 -8.83 2.48
C VAL A 252 4.17 -7.58 1.61
N MET A 253 4.19 -6.41 2.26
CA MET A 253 4.49 -5.18 1.57
C MET A 253 5.72 -4.54 2.19
N GLY A 254 6.45 -3.78 1.38
CA GLY A 254 7.65 -3.10 1.82
C GLY A 254 7.58 -1.60 1.61
N TRP A 255 7.81 -0.85 2.68
CA TRP A 255 8.00 0.61 2.64
C TRP A 255 9.49 0.92 2.85
N GLU A 256 10.23 1.40 1.83
CA GLU A 256 9.80 1.54 0.43
C GLU A 256 10.99 1.11 -0.44
N TYR A 257 10.85 1.21 -1.75
CA TYR A 257 11.78 0.51 -2.64
C TYR A 257 13.25 0.93 -2.57
N PHE A 258 13.52 2.21 -2.83
CA PHE A 258 14.81 2.64 -3.39
C PHE A 258 16.08 2.35 -2.58
N ASN A 259 15.93 2.20 -1.27
CA ASN A 259 17.08 2.03 -0.38
C ASN A 259 16.99 0.76 0.43
N SER A 260 16.12 -0.15 0.02
CA SER A 260 15.87 -1.37 0.77
C SER A 260 17.14 -2.14 1.14
N LEU A 261 17.22 -2.53 2.40
CA LEU A 261 18.22 -3.53 2.81
C LEU A 261 17.85 -4.89 2.21
N PRO A 262 18.84 -5.77 1.97
CA PRO A 262 20.27 -5.66 2.31
C PRO A 262 21.11 -4.90 1.28
N GLY A 263 20.60 -4.73 0.07
CA GLY A 263 21.42 -4.17 -1.01
C GLY A 263 21.55 -2.66 -1.03
N GLY A 264 20.71 -1.97 -0.25
CA GLY A 264 20.76 -0.51 -0.22
C GLY A 264 20.38 0.16 -1.53
N THR A 265 20.79 1.41 -1.67
CA THR A 265 20.50 2.17 -2.90
C THR A 265 21.20 1.60 -4.13
N ALA A 266 22.33 0.91 -3.93
CA ALA A 266 23.03 0.27 -5.05
C ALA A 266 22.22 -0.89 -5.62
N GLU A 267 21.61 -1.69 -4.74
CA GLU A 267 20.92 -2.92 -5.17
C GLU A 267 19.61 -3.10 -4.40
N PRO A 268 18.64 -2.19 -4.62
CA PRO A 268 17.44 -2.20 -3.77
C PRO A 268 16.49 -3.38 -4.01
N TRP A 269 16.64 -4.05 -5.16
CA TRP A 269 15.83 -5.22 -5.55
C TRP A 269 16.16 -6.46 -4.73
N GLU A 270 17.28 -6.47 -4.01
CA GLU A 270 17.64 -7.66 -3.25
C GLU A 270 16.61 -7.99 -2.17
N TRP A 271 16.00 -6.96 -1.58
CA TRP A 271 14.91 -7.16 -0.63
C TRP A 271 13.81 -8.03 -1.23
N ALA A 272 13.35 -7.67 -2.43
CA ALA A 272 12.29 -8.44 -3.08
C ALA A 272 12.70 -9.87 -3.40
N GLN A 273 13.98 -10.09 -3.73
CA GLN A 273 14.50 -11.45 -3.88
C GLN A 273 14.42 -12.25 -2.58
N ILE A 274 14.87 -11.67 -1.48
CA ILE A 274 14.81 -12.33 -0.18
C ILE A 274 13.37 -12.63 0.23
N VAL A 275 12.49 -11.66 0.07
CA VAL A 275 11.09 -11.87 0.46
C VAL A 275 10.38 -12.87 -0.47
N THR A 276 10.78 -12.91 -1.74
CA THR A 276 10.30 -13.95 -2.63
C THR A 276 10.72 -15.35 -2.13
N VAL A 277 11.96 -15.48 -1.66
CA VAL A 277 12.38 -16.78 -1.10
C VAL A 277 11.58 -17.14 0.15
N ILE A 278 11.20 -16.15 0.94
CA ILE A 278 10.35 -16.38 2.11
C ILE A 278 8.93 -16.83 1.73
N LEU A 279 8.31 -16.14 0.78
CA LEU A 279 6.91 -16.33 0.46
C LEU A 279 6.67 -17.48 -0.50
N ARG A 280 7.63 -17.67 -1.40
CA ARG A 280 7.53 -18.68 -2.44
C ARG A 280 8.82 -19.49 -2.52
N PRO A 281 9.12 -20.26 -1.46
CA PRO A 281 10.42 -20.97 -1.39
C PRO A 281 10.57 -22.09 -2.41
N GLY A 282 9.48 -22.50 -3.06
CA GLY A 282 9.54 -23.53 -4.10
C GLY A 282 9.70 -23.01 -5.51
N LEU A 283 9.78 -21.69 -5.66
CA LEU A 283 9.99 -21.05 -6.96
C LEU A 283 11.42 -21.26 -7.43
#